data_7A22
#
_entry.id   7A22
#
_cell.length_a   46.501
_cell.length_b   47.696
_cell.length_c   50.571
_cell.angle_alpha   113.147
_cell.angle_beta   90.460
_cell.angle_gamma   90.270
#
_symmetry.space_group_name_H-M   'P 1'
#
loop_
_entity.id
_entity.type
_entity.pdbx_description
1 polymer "Casein kinase II subunit alpha'"
2 non-polymer 1,2-ETHANEDIOL
3 non-polymer 5,6,7-tris(bromanyl)-1~{H}-[1,2,3]triazolo[4,5-b]pyridine
4 water water
#
_entity_poly.entity_id   1
_entity_poly.type   'polypeptide(L)'
_entity_poly.pdbx_seq_one_letter_code
;MGSSHHHHHHSQDPMPGPAAGSRARVYAEVNSLRSREYWDYEAHVPSWGNQDDYQLVRKLGRGKYSEVFEAINITNNERV
VVKILKPVKKKKIKREVKILENLRGGTNIIKLIDTVKDPVSKTPALVFEYINNTDFKQLYQILTDFDIRFYMYELLKALD
YCHSKGIMHRDVKPHNVMIDHQQKKLRLIDWGLAEFYHPAQEYNVRVASRYFKGPELLVDYQMYDYSLDMWSLGCMLASM
IFRREPFFHGQDNYDQLVRIAKVLGTEELYGYLKKYHIDLDPHFNDILGQHSRKRWENFIHSENRHLVSPEALDLLDKLL
RYDHQQRLTAKEAMEHPYFYPVVKEQSQPSADNAVLSSGLTAAR
;
_entity_poly.pdbx_strand_id   A
#
loop_
_chem_comp.id
_chem_comp.type
_chem_comp.name
_chem_comp.formula
EDO non-polymer 1,2-ETHANEDIOL 'C2 H6 O2'
QWW non-polymer 5,6,7-tris(bromanyl)-1~{H}-[1,2,3]triazolo[4,5-b]pyridine 'C5 H Br3 N4'
#
# COMPACT_ATOMS: atom_id res chain seq x y z
N ALA A 20 -19.25 8.19 -13.41
CA ALA A 20 -18.77 9.48 -13.92
C ALA A 20 -18.61 10.51 -12.80
N GLY A 21 -18.41 10.00 -11.59
CA GLY A 21 -18.17 10.84 -10.44
C GLY A 21 -16.71 11.22 -10.32
N SER A 22 -15.82 10.26 -10.55
CA SER A 22 -14.40 10.45 -10.39
C SER A 22 -13.65 9.43 -11.23
N ARG A 23 -12.48 9.80 -11.74
N ARG A 23 -12.46 9.84 -11.69
CA ARG A 23 -11.58 8.79 -12.28
CA ARG A 23 -11.54 9.03 -12.48
C ARG A 23 -10.13 9.18 -12.01
C ARG A 23 -10.11 9.23 -11.98
N ALA A 24 -9.27 8.20 -12.15
CA ALA A 24 -7.84 8.40 -11.95
C ALA A 24 -7.28 9.42 -12.94
N ARG A 25 -6.32 10.24 -12.49
CA ARG A 25 -5.62 11.17 -13.38
C ARG A 25 -4.57 10.49 -14.26
N VAL A 26 -4.15 9.30 -13.89
CA VAL A 26 -3.14 8.55 -14.62
C VAL A 26 -3.62 7.13 -14.75
N TYR A 27 -3.23 6.49 -15.84
CA TYR A 27 -3.47 5.06 -16.03
C TYR A 27 -4.93 4.73 -15.98
N ALA A 28 -5.80 5.68 -16.36
CA ALA A 28 -7.22 5.42 -16.16
C ALA A 28 -7.73 4.33 -17.09
N GLU A 29 -7.32 4.34 -18.34
CA GLU A 29 -7.86 3.43 -19.34
C GLU A 29 -6.93 2.27 -19.62
N VAL A 30 -5.90 2.09 -18.81
CA VAL A 30 -4.85 1.18 -19.23
C VAL A 30 -5.35 -0.26 -19.32
N ASN A 31 -6.22 -0.69 -18.43
CA ASN A 31 -6.74 -2.06 -18.54
C ASN A 31 -7.64 -2.21 -19.76
N SER A 32 -8.46 -1.19 -20.02
N SER A 32 -8.44 -1.20 -20.08
CA SER A 32 -9.35 -1.21 -21.19
CA SER A 32 -9.33 -1.32 -21.23
C SER A 32 -8.55 -1.40 -22.48
C SER A 32 -8.58 -1.31 -22.53
N LEU A 33 -7.34 -0.83 -22.52
CA LEU A 33 -6.49 -0.85 -23.70
C LEU A 33 -5.73 -2.15 -23.87
N ARG A 34 -5.78 -3.03 -22.87
CA ARG A 34 -5.11 -4.32 -22.93
C ARG A 34 -6.10 -5.41 -23.33
N SER A 35 -5.56 -6.57 -23.71
CA SER A 35 -6.39 -7.74 -23.92
C SER A 35 -7.22 -8.04 -22.67
N ARG A 36 -8.46 -8.47 -22.90
CA ARG A 36 -9.31 -8.83 -21.76
C ARG A 36 -8.64 -9.84 -20.85
N GLU A 37 -7.89 -10.79 -21.41
CA GLU A 37 -7.23 -11.80 -20.58
C GLU A 37 -6.38 -11.18 -19.49
N TYR A 38 -5.83 -9.98 -19.73
CA TYR A 38 -4.96 -9.35 -18.75
C TYR A 38 -5.69 -9.12 -17.43
N TRP A 39 -6.92 -8.62 -17.48
CA TRP A 39 -7.64 -8.20 -16.28
C TRP A 39 -8.77 -9.14 -15.88
N ASP A 40 -9.13 -10.08 -16.74
CA ASP A 40 -10.26 -10.99 -16.48
C ASP A 40 -9.76 -12.17 -15.67
N TYR A 41 -9.46 -11.90 -14.40
CA TYR A 41 -8.79 -12.90 -13.55
C TYR A 41 -9.66 -14.12 -13.30
N GLU A 42 -10.98 -13.98 -13.35
CA GLU A 42 -11.84 -15.15 -13.13
C GLU A 42 -11.58 -16.21 -14.19
N ALA A 43 -11.11 -15.79 -15.38
CA ALA A 43 -10.83 -16.71 -16.47
C ALA A 43 -9.42 -17.27 -16.40
N HIS A 44 -8.61 -16.79 -15.46
CA HIS A 44 -7.23 -17.23 -15.39
C HIS A 44 -7.15 -18.66 -14.85
N VAL A 45 -6.25 -19.44 -15.46
CA VAL A 45 -6.02 -20.84 -15.09
C VAL A 45 -4.56 -20.95 -14.65
N PRO A 46 -4.26 -20.85 -13.36
CA PRO A 46 -2.87 -21.02 -12.91
C PRO A 46 -2.35 -22.42 -13.20
N SER A 47 -1.03 -22.51 -13.27
CA SER A 47 -0.32 -23.78 -13.31
C SER A 47 0.17 -24.08 -11.91
N TRP A 48 -0.39 -25.10 -11.28
CA TRP A 48 -0.13 -25.40 -9.88
C TRP A 48 0.93 -26.48 -9.81
N GLY A 49 2.11 -26.11 -9.30
CA GLY A 49 3.18 -27.05 -9.05
C GLY A 49 3.02 -27.78 -7.73
N ASN A 50 4.09 -28.48 -7.32
CA ASN A 50 4.02 -29.45 -6.23
C ASN A 50 4.66 -28.87 -4.97
N GLN A 51 3.84 -28.69 -3.91
CA GLN A 51 4.38 -28.15 -2.67
C GLN A 51 5.37 -29.08 -1.99
N ASP A 52 5.37 -30.36 -2.36
CA ASP A 52 6.29 -31.31 -1.73
C ASP A 52 7.76 -30.96 -1.95
N ASP A 53 8.06 -30.03 -2.87
CA ASP A 53 9.42 -29.55 -3.02
C ASP A 53 9.86 -28.60 -1.89
N TYR A 54 8.99 -28.20 -0.99
CA TYR A 54 9.31 -27.19 0.02
C TYR A 54 9.19 -27.80 1.39
N GLN A 55 10.17 -27.49 2.24
CA GLN A 55 10.16 -27.86 3.65
C GLN A 55 9.90 -26.62 4.49
N LEU A 56 8.82 -26.63 5.26
CA LEU A 56 8.53 -25.52 6.15
C LEU A 56 9.47 -25.55 7.34
N VAL A 57 10.01 -24.38 7.68
CA VAL A 57 10.99 -24.24 8.75
C VAL A 57 10.44 -23.46 9.95
N ARG A 58 9.67 -22.40 9.71
CA ARG A 58 9.24 -21.58 10.83
C ARG A 58 8.00 -20.83 10.39
N LYS A 59 7.03 -20.71 11.29
CA LYS A 59 5.88 -19.86 11.05
C LYS A 59 6.28 -18.41 11.21
N LEU A 60 5.91 -17.58 10.22
CA LEU A 60 6.16 -16.16 10.27
C LEU A 60 4.94 -15.33 10.65
N GLY A 61 3.72 -15.79 10.36
CA GLY A 61 2.52 -15.03 10.64
C GLY A 61 1.29 -15.77 10.20
N ARG A 62 0.14 -15.24 10.60
CA ARG A 62 -1.14 -15.76 10.18
C ARG A 62 -2.09 -14.59 9.97
N GLY A 63 -2.98 -14.76 9.01
CA GLY A 63 -3.96 -13.73 8.70
C GLY A 63 -5.31 -14.40 8.51
N LYS A 64 -6.30 -13.60 8.16
CA LYS A 64 -7.62 -14.20 8.03
C LYS A 64 -7.70 -15.12 6.83
N TYR A 65 -6.82 -14.94 5.84
CA TYR A 65 -6.87 -15.69 4.59
C TYR A 65 -5.70 -16.63 4.38
N SER A 66 -4.73 -16.66 5.29
CA SER A 66 -3.49 -17.37 4.97
C SER A 66 -2.64 -17.54 6.20
N GLU A 67 -1.65 -18.41 6.08
CA GLU A 67 -0.56 -18.51 7.03
C GLU A 67 0.72 -18.48 6.22
N VAL A 68 1.77 -17.91 6.81
CA VAL A 68 3.03 -17.66 6.12
C VAL A 68 4.14 -18.37 6.87
N PHE A 69 4.97 -19.07 6.13
CA PHE A 69 6.08 -19.82 6.68
C PHE A 69 7.35 -19.46 5.93
N GLU A 70 8.45 -19.39 6.66
CA GLU A 70 9.76 -19.53 6.05
C GLU A 70 9.95 -20.99 5.66
N ALA A 71 10.56 -21.23 4.49
CA ALA A 71 10.73 -22.59 4.00
C ALA A 71 12.02 -22.71 3.20
N ILE A 72 12.39 -23.94 2.90
CA ILE A 72 13.52 -24.26 2.02
C ILE A 72 13.02 -25.11 0.86
N ASN A 73 13.40 -24.75 -0.38
CA ASN A 73 13.18 -25.63 -1.53
C ASN A 73 14.24 -26.71 -1.47
N ILE A 74 13.80 -27.95 -1.23
CA ILE A 74 14.76 -29.03 -1.03
C ILE A 74 15.47 -29.44 -2.30
N THR A 75 14.97 -29.04 -3.47
CA THR A 75 15.63 -29.39 -4.73
C THR A 75 16.85 -28.54 -5.03
N ASN A 76 16.94 -27.33 -4.48
CA ASN A 76 17.99 -26.39 -4.82
C ASN A 76 18.49 -25.60 -3.62
N ASN A 77 17.99 -25.90 -2.41
CA ASN A 77 18.43 -25.26 -1.18
C ASN A 77 18.03 -23.80 -1.06
N GLU A 78 17.12 -23.31 -1.89
CA GLU A 78 16.75 -21.91 -1.82
C GLU A 78 15.83 -21.65 -0.62
N ARG A 79 16.13 -20.63 0.17
CA ARG A 79 15.22 -20.15 1.20
C ARG A 79 14.14 -19.26 0.61
N VAL A 80 12.88 -19.51 0.99
CA VAL A 80 11.71 -18.88 0.40
C VAL A 80 10.70 -18.61 1.52
N VAL A 81 9.61 -17.97 1.15
CA VAL A 81 8.46 -17.80 2.02
C VAL A 81 7.26 -18.44 1.33
N VAL A 82 6.52 -19.27 2.05
CA VAL A 82 5.34 -19.96 1.55
C VAL A 82 4.11 -19.41 2.26
N LYS A 83 3.14 -18.94 1.47
CA LYS A 83 1.87 -18.42 1.96
C LYS A 83 0.81 -19.44 1.60
N ILE A 84 0.31 -20.17 2.60
CA ILE A 84 -0.69 -21.21 2.41
C ILE A 84 -2.06 -20.55 2.51
N LEU A 85 -2.88 -20.73 1.49
CA LEU A 85 -4.12 -19.98 1.35
C LEU A 85 -5.27 -20.80 1.92
N LYS A 86 -6.06 -20.18 2.75
CA LYS A 86 -7.31 -20.86 3.11
C LYS A 86 -8.12 -21.06 1.83
N PRO A 87 -8.36 -22.32 1.41
CA PRO A 87 -8.57 -22.62 -0.02
C PRO A 87 -9.96 -22.31 -0.61
N VAL A 88 -10.95 -21.90 0.19
CA VAL A 88 -12.30 -21.77 -0.35
C VAL A 88 -12.49 -20.53 -1.24
N LYS A 89 -11.59 -19.55 -1.19
CA LYS A 89 -11.85 -18.26 -1.83
C LYS A 89 -11.29 -18.24 -3.25
N LYS A 90 -12.00 -18.92 -4.16
CA LYS A 90 -11.39 -19.27 -5.45
C LYS A 90 -11.19 -18.06 -6.35
N LYS A 91 -12.22 -17.23 -6.48
CA LYS A 91 -12.11 -16.01 -7.27
C LYS A 91 -11.01 -15.10 -6.71
N LYS A 92 -10.90 -15.02 -5.39
CA LYS A 92 -9.87 -14.17 -4.79
C LYS A 92 -8.49 -14.75 -4.99
N ILE A 93 -8.36 -16.07 -4.99
CA ILE A 93 -7.06 -16.68 -5.27
C ILE A 93 -6.64 -16.36 -6.70
N LYS A 94 -7.56 -16.54 -7.66
CA LYS A 94 -7.24 -16.20 -9.04
C LYS A 94 -6.85 -14.74 -9.17
N ARG A 95 -7.54 -13.86 -8.45
CA ARG A 95 -7.22 -12.44 -8.52
C ARG A 95 -5.78 -12.19 -8.11
N GLU A 96 -5.38 -12.70 -6.93
CA GLU A 96 -4.04 -12.45 -6.42
C GLU A 96 -3.00 -13.07 -7.35
N VAL A 97 -3.24 -14.29 -7.82
CA VAL A 97 -2.27 -14.94 -8.70
C VAL A 97 -2.12 -14.16 -10.00
N LYS A 98 -3.23 -13.78 -10.63
CA LYS A 98 -3.14 -13.06 -11.89
C LYS A 98 -2.44 -11.72 -11.71
N ILE A 99 -2.78 -11.01 -10.64
CA ILE A 99 -2.10 -9.75 -10.33
C ILE A 99 -0.59 -9.97 -10.22
N LEU A 100 -0.18 -10.97 -9.46
CA LEU A 100 1.26 -11.21 -9.30
C LEU A 100 1.92 -11.59 -10.62
N GLU A 101 1.24 -12.35 -11.48
CA GLU A 101 1.78 -12.66 -12.80
C GLU A 101 1.96 -11.39 -13.60
N ASN A 102 0.95 -10.52 -13.56
CA ASN A 102 1.02 -9.31 -14.34
C ASN A 102 2.12 -8.39 -13.85
N LEU A 103 2.45 -8.44 -12.56
CA LEU A 103 3.47 -7.60 -11.95
C LEU A 103 4.84 -8.21 -12.05
N ARG A 104 4.99 -9.35 -12.78
CA ARG A 104 6.25 -10.06 -12.85
C ARG A 104 7.39 -9.13 -13.23
N GLY A 105 8.48 -9.18 -12.45
CA GLY A 105 9.63 -8.33 -12.67
C GLY A 105 9.51 -6.88 -12.22
N GLY A 106 8.37 -6.48 -11.67
CA GLY A 106 8.20 -5.10 -11.26
C GLY A 106 9.15 -4.70 -10.14
N THR A 107 9.61 -3.46 -10.21
CA THR A 107 10.62 -2.98 -9.28
C THR A 107 10.08 -2.96 -7.86
N ASN A 108 10.75 -3.69 -6.98
CA ASN A 108 10.46 -3.71 -5.55
C ASN A 108 9.12 -4.34 -5.23
N ILE A 109 8.54 -5.10 -6.16
CA ILE A 109 7.39 -5.94 -5.88
C ILE A 109 7.88 -7.31 -5.48
N ILE A 110 7.33 -7.87 -4.40
CA ILE A 110 7.77 -9.19 -3.98
C ILE A 110 7.69 -10.16 -5.14
N LYS A 111 8.74 -10.95 -5.34
CA LYS A 111 8.77 -11.87 -6.45
C LYS A 111 8.03 -13.16 -6.12
N LEU A 112 6.99 -13.48 -6.88
CA LEU A 112 6.35 -14.79 -6.86
C LEU A 112 7.22 -15.76 -7.62
N ILE A 113 7.72 -16.76 -6.92
CA ILE A 113 8.53 -17.82 -7.49
C ILE A 113 7.65 -18.92 -8.06
N ASP A 114 6.58 -19.29 -7.38
CA ASP A 114 5.72 -20.32 -7.94
C ASP A 114 4.40 -20.37 -7.23
N THR A 115 3.45 -21.03 -7.88
CA THR A 115 2.11 -21.31 -7.40
C THR A 115 2.03 -22.83 -7.28
N VAL A 116 1.81 -23.32 -6.06
CA VAL A 116 1.87 -24.76 -5.78
C VAL A 116 0.63 -25.20 -5.00
N LYS A 117 0.43 -26.51 -4.97
CA LYS A 117 -0.61 -27.13 -4.16
C LYS A 117 -0.02 -28.32 -3.42
N ASP A 118 -0.55 -28.60 -2.22
CA ASP A 118 -0.39 -29.91 -1.60
C ASP A 118 -0.99 -30.89 -2.61
N PRO A 119 -0.22 -31.86 -3.11
CA PRO A 119 -0.73 -32.71 -4.20
C PRO A 119 -1.89 -33.61 -3.79
N VAL A 120 -2.14 -33.79 -2.50
CA VAL A 120 -3.23 -34.62 -2.03
C VAL A 120 -4.46 -33.78 -1.70
N SER A 121 -4.31 -32.79 -0.82
CA SER A 121 -5.46 -31.99 -0.43
C SER A 121 -5.85 -30.97 -1.49
N LYS A 122 -4.93 -30.60 -2.38
CA LYS A 122 -5.10 -29.55 -3.38
C LYS A 122 -5.20 -28.14 -2.76
N THR A 123 -4.83 -27.98 -1.50
CA THR A 123 -4.78 -26.63 -0.92
C THR A 123 -3.71 -25.84 -1.63
N PRO A 124 -4.01 -24.64 -2.09
CA PRO A 124 -3.00 -23.87 -2.82
C PRO A 124 -2.12 -23.03 -1.90
N ALA A 125 -0.94 -22.69 -2.42
CA ALA A 125 0.02 -21.86 -1.73
C ALA A 125 0.82 -21.07 -2.75
N LEU A 126 1.31 -19.93 -2.30
CA LEU A 126 2.17 -19.07 -3.10
C LEU A 126 3.57 -19.05 -2.51
N VAL A 127 4.57 -19.18 -3.37
CA VAL A 127 5.97 -19.21 -2.95
C VAL A 127 6.62 -17.91 -3.38
N PHE A 128 7.20 -17.19 -2.43
CA PHE A 128 7.81 -15.90 -2.66
C PHE A 128 9.29 -15.94 -2.31
N GLU A 129 10.04 -15.03 -2.92
CA GLU A 129 11.42 -14.82 -2.49
C GLU A 129 11.43 -14.43 -1.02
N TYR A 130 12.47 -14.88 -0.33
CA TYR A 130 12.73 -14.54 1.06
C TYR A 130 13.34 -13.13 1.15
N ILE A 131 12.94 -12.38 2.19
CA ILE A 131 13.54 -11.12 2.58
C ILE A 131 13.82 -11.20 4.06
N ASN A 132 15.05 -10.84 4.47
CA ASN A 132 15.42 -10.86 5.88
C ASN A 132 15.05 -9.50 6.44
N ASN A 133 13.80 -9.34 6.81
N ASN A 133 13.78 -9.36 6.90
CA ASN A 133 13.34 -8.01 7.13
CA ASN A 133 13.14 -8.08 7.23
C ASN A 133 13.70 -7.62 8.55
C ASN A 133 13.50 -7.60 8.63
N THR A 134 13.77 -6.30 8.74
CA THR A 134 14.01 -5.67 10.01
C THR A 134 12.63 -5.23 10.51
N ASP A 135 12.24 -5.71 11.68
CA ASP A 135 10.94 -5.34 12.25
C ASP A 135 10.74 -3.83 12.17
N PHE A 136 9.61 -3.40 11.61
CA PHE A 136 9.44 -1.97 11.37
C PHE A 136 9.38 -1.14 12.65
N LYS A 137 8.85 -1.66 13.74
CA LYS A 137 8.73 -0.81 14.92
C LYS A 137 10.10 -0.37 15.39
N GLN A 138 11.04 -1.30 15.39
CA GLN A 138 12.41 -0.99 15.74
C GLN A 138 13.03 -0.09 14.69
N LEU A 139 12.90 -0.49 13.42
CA LEU A 139 13.55 0.20 12.33
C LEU A 139 13.15 1.67 12.30
N TYR A 140 11.87 1.97 12.47
CA TYR A 140 11.42 3.33 12.25
C TYR A 140 11.90 4.28 13.34
N GLN A 141 12.43 3.76 14.42
CA GLN A 141 13.01 4.60 15.45
C GLN A 141 14.46 4.93 15.18
N ILE A 142 15.11 4.30 14.20
CA ILE A 142 16.52 4.54 13.93
C ILE A 142 16.79 5.10 12.55
N LEU A 143 15.77 5.36 11.74
CA LEU A 143 16.02 5.83 10.38
C LEU A 143 16.61 7.22 10.41
N THR A 144 17.55 7.50 9.48
CA THR A 144 18.05 8.84 9.24
C THR A 144 17.17 9.54 8.19
N ASP A 145 17.40 10.85 8.01
CA ASP A 145 16.72 11.59 6.95
C ASP A 145 16.93 10.94 5.59
N PHE A 146 18.19 10.65 5.24
CA PHE A 146 18.43 10.00 3.96
C PHE A 146 17.76 8.64 3.88
N ASP A 147 17.79 7.85 4.97
CA ASP A 147 17.13 6.55 4.94
C ASP A 147 15.66 6.67 4.56
N ILE A 148 14.96 7.63 5.16
CA ILE A 148 13.54 7.79 4.88
C ILE A 148 13.33 8.15 3.42
N ARG A 149 14.11 9.11 2.92
CA ARG A 149 14.02 9.47 1.51
C ARG A 149 14.23 8.25 0.63
N PHE A 150 15.27 7.47 0.94
CA PHE A 150 15.61 6.30 0.14
C PHE A 150 14.50 5.27 0.13
N TYR A 151 14.01 4.88 1.32
CA TYR A 151 13.00 3.83 1.37
C TYR A 151 11.69 4.31 0.77
N MET A 152 11.30 5.55 1.02
CA MET A 152 10.10 6.05 0.39
C MET A 152 10.21 6.08 -1.12
N TYR A 153 11.38 6.43 -1.64
CA TYR A 153 11.58 6.42 -3.09
C TYR A 153 11.47 5.01 -3.65
N GLU A 154 12.05 4.04 -2.95
CA GLU A 154 11.96 2.66 -3.40
C GLU A 154 10.53 2.12 -3.33
N LEU A 155 9.77 2.49 -2.29
CA LEU A 155 8.37 2.11 -2.22
C LEU A 155 7.56 2.74 -3.34
N LEU A 156 7.83 4.01 -3.64
CA LEU A 156 7.16 4.67 -4.73
C LEU A 156 7.42 3.98 -6.05
N LYS A 157 8.62 3.44 -6.26
CA LYS A 157 8.86 2.72 -7.51
C LYS A 157 7.87 1.55 -7.65
N ALA A 158 7.62 0.82 -6.55
CA ALA A 158 6.69 -0.29 -6.59
C ALA A 158 5.27 0.16 -6.90
N LEU A 159 4.84 1.25 -6.27
CA LEU A 159 3.49 1.77 -6.50
C LEU A 159 3.34 2.32 -7.91
N ASP A 160 4.31 3.09 -8.38
CA ASP A 160 4.22 3.58 -9.75
C ASP A 160 4.14 2.39 -10.71
N TYR A 161 4.90 1.33 -10.44
CA TYR A 161 4.85 0.17 -11.30
C TYR A 161 3.47 -0.49 -11.28
N CYS A 162 2.95 -0.80 -10.09
CA CYS A 162 1.65 -1.48 -10.08
C CYS A 162 0.53 -0.62 -10.66
N HIS A 163 0.53 0.67 -10.35
CA HIS A 163 -0.46 1.58 -10.91
C HIS A 163 -0.35 1.59 -12.43
N SER A 164 0.88 1.61 -12.98
CA SER A 164 1.06 1.60 -14.43
C SER A 164 0.55 0.30 -15.05
N LYS A 165 0.51 -0.76 -14.24
CA LYS A 165 -0.02 -2.06 -14.62
C LYS A 165 -1.50 -2.18 -14.31
N GLY A 166 -2.15 -1.07 -13.98
CA GLY A 166 -3.58 -1.08 -13.81
C GLY A 166 -4.07 -1.64 -12.50
N ILE A 167 -3.21 -1.68 -11.49
CA ILE A 167 -3.50 -2.37 -10.23
C ILE A 167 -3.35 -1.43 -9.05
N MET A 168 -4.34 -1.45 -8.16
CA MET A 168 -4.31 -0.78 -6.86
C MET A 168 -3.96 -1.81 -5.80
N HIS A 169 -3.00 -1.49 -4.92
CA HIS A 169 -2.60 -2.43 -3.88
C HIS A 169 -3.66 -2.55 -2.79
N ARG A 170 -4.11 -1.41 -2.27
CA ARG A 170 -5.22 -1.31 -1.32
C ARG A 170 -4.88 -1.81 0.09
N ASP A 171 -3.61 -2.06 0.38
CA ASP A 171 -3.24 -2.45 1.74
C ASP A 171 -1.81 -2.02 2.04
N VAL A 172 -1.46 -0.81 1.63
CA VAL A 172 -0.14 -0.27 1.93
C VAL A 172 -0.08 0.08 3.42
N LYS A 173 0.94 -0.42 4.11
CA LYS A 173 1.16 -0.24 5.54
C LYS A 173 2.55 -0.79 5.87
N PRO A 174 3.13 -0.37 7.00
CA PRO A 174 4.49 -0.83 7.34
C PRO A 174 4.63 -2.34 7.30
N HIS A 175 3.70 -3.10 7.81
N HIS A 175 3.59 -3.06 7.78
CA HIS A 175 4.00 -4.52 7.80
CA HIS A 175 3.58 -4.54 7.86
C HIS A 175 4.16 -5.02 6.37
C HIS A 175 3.65 -5.21 6.48
N ASN A 176 3.35 -4.47 5.43
CA ASN A 176 3.42 -4.93 4.03
C ASN A 176 4.55 -4.34 3.23
N VAL A 177 5.49 -3.65 3.88
CA VAL A 177 6.67 -3.10 3.21
C VAL A 177 7.89 -3.70 3.91
N MET A 178 8.33 -4.85 3.39
N MET A 178 8.40 -4.80 3.34
CA MET A 178 9.47 -5.55 3.98
CA MET A 178 9.47 -5.55 3.98
C MET A 178 10.72 -4.76 3.65
C MET A 178 10.81 -4.93 3.61
N ILE A 179 11.59 -4.59 4.63
CA ILE A 179 12.83 -3.85 4.46
C ILE A 179 13.93 -4.64 5.12
N ASP A 180 14.90 -5.06 4.33
CA ASP A 180 16.17 -5.59 4.84
C ASP A 180 17.11 -4.40 4.95
N HIS A 181 17.29 -3.90 6.16
CA HIS A 181 18.06 -2.67 6.36
C HIS A 181 19.56 -2.91 6.25
N GLN A 182 20.01 -4.15 6.24
CA GLN A 182 21.43 -4.42 6.04
C GLN A 182 21.80 -4.42 4.57
N GLN A 183 20.98 -5.09 3.74
CA GLN A 183 21.23 -5.11 2.30
C GLN A 183 20.52 -3.99 1.54
N LYS A 184 19.72 -3.20 2.23
CA LYS A 184 18.98 -2.09 1.62
C LYS A 184 18.06 -2.59 0.51
N LYS A 185 17.23 -3.55 0.87
CA LYS A 185 16.26 -4.12 -0.05
C LYS A 185 14.88 -3.86 0.50
N LEU A 186 13.98 -3.47 -0.39
CA LEU A 186 12.59 -3.22 -0.01
C LEU A 186 11.67 -3.99 -0.95
N ARG A 187 10.63 -4.62 -0.38
CA ARG A 187 9.62 -5.29 -1.19
C ARG A 187 8.24 -4.99 -0.66
N LEU A 188 7.33 -4.65 -1.57
CA LEU A 188 5.92 -4.51 -1.26
C LEU A 188 5.25 -5.87 -1.40
N ILE A 189 4.71 -6.38 -0.28
CA ILE A 189 4.14 -7.72 -0.17
C ILE A 189 2.62 -7.63 -0.02
N ASP A 190 2.01 -8.80 0.01
CA ASP A 190 0.62 -9.04 0.33
C ASP A 190 -0.37 -8.35 -0.59
N TRP A 191 -0.48 -8.94 -1.78
CA TRP A 191 -1.31 -8.49 -2.88
C TRP A 191 -2.70 -9.11 -2.81
N GLY A 192 -3.09 -9.69 -1.68
CA GLY A 192 -4.37 -10.33 -1.56
C GLY A 192 -5.57 -9.41 -1.55
N LEU A 193 -5.39 -8.12 -1.28
CA LEU A 193 -6.47 -7.16 -1.37
C LEU A 193 -6.41 -6.32 -2.66
N ALA A 194 -5.40 -6.53 -3.50
CA ALA A 194 -5.22 -5.70 -4.68
C ALA A 194 -6.33 -5.96 -5.70
N GLU A 195 -6.58 -4.95 -6.55
CA GLU A 195 -7.64 -5.04 -7.55
C GLU A 195 -7.21 -4.28 -8.80
N PHE A 196 -7.83 -4.66 -9.91
CA PHE A 196 -7.68 -3.94 -11.17
C PHE A 196 -8.56 -2.71 -11.17
N TYR A 197 -7.99 -1.58 -11.62
CA TYR A 197 -8.73 -0.34 -11.76
C TYR A 197 -9.42 -0.24 -13.12
N HIS A 198 -10.72 0.09 -13.09
CA HIS A 198 -11.52 0.31 -14.28
C HIS A 198 -12.30 1.61 -14.04
N PRO A 199 -12.29 2.54 -14.99
CA PRO A 199 -12.96 3.81 -14.76
C PRO A 199 -14.41 3.60 -14.44
N ALA A 200 -14.91 4.34 -13.44
CA ALA A 200 -16.30 4.39 -13.03
C ALA A 200 -16.70 3.16 -12.23
N GLN A 201 -15.80 2.21 -12.02
CA GLN A 201 -16.15 1.04 -11.22
C GLN A 201 -16.24 1.42 -9.75
N GLU A 202 -17.26 0.88 -9.08
CA GLU A 202 -17.41 1.04 -7.64
C GLU A 202 -16.79 -0.14 -6.92
N TYR A 203 -15.92 0.17 -5.95
CA TYR A 203 -15.14 -0.82 -5.23
C TYR A 203 -15.59 -0.90 -3.78
N ASN A 204 -15.32 -2.05 -3.18
CA ASN A 204 -15.58 -2.26 -1.76
C ASN A 204 -14.67 -1.37 -0.94
N VAL A 205 -15.25 -0.62 0.00
CA VAL A 205 -14.43 0.26 0.83
C VAL A 205 -13.77 -0.48 1.99
N ARG A 206 -14.07 -1.77 2.20
CA ARG A 206 -13.51 -2.53 3.32
C ARG A 206 -12.15 -3.10 2.89
N VAL A 207 -11.22 -2.19 2.69
CA VAL A 207 -9.84 -2.51 2.36
C VAL A 207 -8.94 -1.65 3.24
N ALA A 208 -7.64 -1.98 3.25
CA ALA A 208 -6.60 -1.32 4.04
C ALA A 208 -6.75 -1.47 5.55
N SER A 209 -5.64 -1.35 6.27
CA SER A 209 -5.68 -1.30 7.73
C SER A 209 -6.30 0.01 8.13
N ARG A 210 -7.02 0.00 9.26
CA ARG A 210 -7.67 1.19 9.77
C ARG A 210 -6.80 2.43 9.65
N TYR A 211 -5.56 2.34 10.13
CA TYR A 211 -4.73 3.54 10.27
C TYR A 211 -4.31 4.12 8.93
N PHE A 212 -4.43 3.33 7.87
CA PHE A 212 -3.98 3.65 6.52
C PHE A 212 -5.13 3.83 5.55
N LYS A 213 -6.36 3.77 6.03
CA LYS A 213 -7.53 3.98 5.17
C LYS A 213 -7.64 5.44 4.79
N GLY A 214 -7.82 5.72 3.49
CA GLY A 214 -8.04 7.06 3.02
C GLY A 214 -9.42 7.54 3.45
N PRO A 215 -9.58 8.87 3.51
CA PRO A 215 -10.90 9.42 3.84
C PRO A 215 -12.01 8.91 2.94
N GLU A 216 -11.70 8.66 1.67
CA GLU A 216 -12.72 8.13 0.77
C GLU A 216 -13.32 6.85 1.31
N LEU A 217 -12.49 5.97 1.86
CA LEU A 217 -13.02 4.72 2.39
C LEU A 217 -13.87 4.97 3.62
N LEU A 218 -13.42 5.89 4.48
CA LEU A 218 -14.07 6.17 5.75
C LEU A 218 -15.43 6.84 5.56
N VAL A 219 -15.65 7.53 4.44
CA VAL A 219 -16.92 8.15 4.13
C VAL A 219 -17.73 7.33 3.11
N ASP A 220 -17.31 6.10 2.83
CA ASP A 220 -18.08 5.17 2.01
C ASP A 220 -18.18 5.64 0.55
N TYR A 221 -17.11 6.24 0.04
CA TYR A 221 -17.04 6.63 -1.37
C TYR A 221 -16.37 5.52 -2.16
N GLN A 222 -17.16 4.88 -3.02
CA GLN A 222 -16.72 3.66 -3.68
C GLN A 222 -15.96 3.88 -4.98
N MET A 223 -16.03 5.06 -5.57
CA MET A 223 -15.44 5.29 -6.89
C MET A 223 -14.00 5.78 -6.77
N TYR A 224 -13.18 5.02 -6.04
CA TYR A 224 -11.81 5.40 -5.73
C TYR A 224 -10.86 4.78 -6.72
N ASP A 225 -9.57 5.09 -6.57
CA ASP A 225 -8.59 4.69 -7.58
C ASP A 225 -7.22 4.52 -6.93
N TYR A 226 -6.17 4.48 -7.76
CA TYR A 226 -4.79 4.32 -7.30
C TYR A 226 -4.40 5.30 -6.22
N SER A 227 -5.03 6.48 -6.22
CA SER A 227 -4.72 7.50 -5.23
C SER A 227 -5.01 7.08 -3.80
N LEU A 228 -5.81 6.02 -3.58
CA LEU A 228 -5.94 5.47 -2.24
C LEU A 228 -4.57 5.08 -1.68
N ASP A 229 -3.74 4.43 -2.50
CA ASP A 229 -2.44 3.98 -2.07
C ASP A 229 -1.54 5.15 -1.70
N MET A 230 -1.73 6.29 -2.35
CA MET A 230 -0.93 7.47 -2.08
C MET A 230 -1.29 8.10 -0.73
N TRP A 231 -2.56 8.00 -0.30
CA TRP A 231 -2.89 8.37 1.08
C TRP A 231 -2.12 7.49 2.06
N SER A 232 -2.19 6.16 1.86
CA SER A 232 -1.52 5.24 2.75
C SER A 232 -0.03 5.54 2.82
N LEU A 233 0.59 5.77 1.66
CA LEU A 233 2.00 6.13 1.61
C LEU A 233 2.26 7.40 2.40
N GLY A 234 1.40 8.41 2.22
CA GLY A 234 1.54 9.63 3.00
C GLY A 234 1.48 9.39 4.50
N CYS A 235 0.60 8.48 4.94
CA CYS A 235 0.55 8.13 6.36
C CYS A 235 1.88 7.55 6.82
N MET A 236 2.47 6.68 6.00
CA MET A 236 3.78 6.13 6.34
C MET A 236 4.86 7.20 6.39
N LEU A 237 4.86 8.10 5.40
CA LEU A 237 5.83 9.19 5.41
C LEU A 237 5.72 10.02 6.69
N ALA A 238 4.49 10.41 7.05
CA ALA A 238 4.30 11.20 8.27
C ALA A 238 4.85 10.45 9.47
N SER A 239 4.57 9.15 9.56
CA SER A 239 5.04 8.39 10.72
C SER A 239 6.55 8.36 10.81
N MET A 240 7.21 8.29 9.65
CA MET A 240 8.66 8.23 9.64
C MET A 240 9.28 9.58 9.98
N ILE A 241 8.87 10.67 9.33
CA ILE A 241 9.54 11.93 9.59
C ILE A 241 9.17 12.50 10.96
N PHE A 242 7.98 12.16 11.47
CA PHE A 242 7.55 12.70 12.77
C PHE A 242 7.77 11.75 13.93
N ARG A 243 8.04 10.48 13.64
CA ARG A 243 8.24 9.45 14.68
C ARG A 243 6.98 9.27 15.53
N ARG A 244 5.82 9.30 14.90
CA ARG A 244 4.55 8.92 15.52
C ARG A 244 3.94 7.83 14.65
N GLU A 245 3.99 6.58 15.13
CA GLU A 245 3.59 5.43 14.33
C GLU A 245 2.55 4.61 15.09
N PRO A 246 1.37 4.38 14.50
CA PRO A 246 0.86 5.02 13.29
C PRO A 246 0.59 6.50 13.53
N PHE A 247 0.55 7.24 12.43
CA PHE A 247 0.39 8.68 12.54
C PHE A 247 -1.03 9.08 12.97
N PHE A 248 -2.06 8.46 12.36
CA PHE A 248 -3.45 8.71 12.65
C PHE A 248 -3.97 7.44 13.35
N HIS A 249 -4.12 7.48 14.67
CA HIS A 249 -4.35 6.27 15.46
C HIS A 249 -5.81 6.19 15.94
N GLY A 250 -6.71 5.90 15.01
CA GLY A 250 -8.11 5.78 15.36
C GLY A 250 -8.40 4.54 16.18
N GLN A 251 -9.46 4.63 16.99
CA GLN A 251 -9.94 3.48 17.75
C GLN A 251 -10.90 2.58 16.97
N ASP A 252 -11.51 3.08 15.90
CA ASP A 252 -12.45 2.39 15.03
C ASP A 252 -12.52 3.27 13.78
N ASN A 253 -13.31 2.86 12.79
CA ASN A 253 -13.31 3.59 11.52
C ASN A 253 -13.88 4.98 11.66
N TYR A 254 -14.83 5.15 12.57
CA TYR A 254 -15.40 6.47 12.76
C TYR A 254 -14.36 7.38 13.37
N ASP A 255 -13.74 6.93 14.47
CA ASP A 255 -12.71 7.72 15.11
C ASP A 255 -11.53 7.97 14.19
N GLN A 256 -11.26 7.06 13.26
CA GLN A 256 -10.17 7.29 12.32
C GLN A 256 -10.39 8.58 11.54
N LEU A 257 -11.61 8.80 11.05
CA LEU A 257 -11.85 10.02 10.30
C LEU A 257 -11.73 11.24 11.20
N VAL A 258 -12.20 11.13 12.45
CA VAL A 258 -12.08 12.23 13.41
C VAL A 258 -10.59 12.59 13.58
N ARG A 259 -9.73 11.58 13.74
CA ARG A 259 -8.31 11.86 13.94
C ARG A 259 -7.74 12.59 12.72
N ILE A 260 -8.16 12.19 11.52
CA ILE A 260 -7.71 12.87 10.32
C ILE A 260 -8.21 14.31 10.33
N ALA A 261 -9.49 14.51 10.64
CA ALA A 261 -10.09 15.84 10.60
C ALA A 261 -9.49 16.79 11.63
N LYS A 262 -8.99 16.25 12.73
CA LYS A 262 -8.32 17.10 13.72
C LYS A 262 -7.02 17.70 13.18
N VAL A 263 -6.48 17.14 12.11
CA VAL A 263 -5.28 17.65 11.47
C VAL A 263 -5.61 18.43 10.20
N LEU A 264 -6.38 17.80 9.30
CA LEU A 264 -6.68 18.42 8.02
C LEU A 264 -7.81 19.44 8.06
N GLY A 265 -8.63 19.43 9.09
CA GLY A 265 -9.69 20.38 9.31
C GLY A 265 -11.06 19.88 8.90
N THR A 266 -12.09 20.34 9.62
CA THR A 266 -13.44 19.90 9.32
C THR A 266 -14.07 20.67 8.16
N GLU A 267 -13.88 21.99 8.08
CA GLU A 267 -14.42 22.70 6.92
C GLU A 267 -13.87 22.15 5.61
N GLU A 268 -12.60 21.77 5.63
CA GLU A 268 -11.95 21.18 4.47
C GLU A 268 -12.56 19.82 4.14
N LEU A 269 -12.90 19.01 5.14
CA LEU A 269 -13.62 17.77 4.90
C LEU A 269 -14.95 18.03 4.19
N TYR A 270 -15.71 19.01 4.68
CA TYR A 270 -17.02 19.25 4.08
C TYR A 270 -16.90 19.72 2.63
N GLY A 271 -15.85 20.47 2.30
CA GLY A 271 -15.65 20.89 0.93
C GLY A 271 -15.42 19.69 0.02
N TYR A 272 -14.65 18.72 0.51
CA TYR A 272 -14.41 17.49 -0.22
C TYR A 272 -15.71 16.75 -0.45
N LEU A 273 -16.49 16.55 0.63
CA LEU A 273 -17.75 15.82 0.50
C LEU A 273 -18.66 16.52 -0.51
N LYS A 274 -18.73 17.83 -0.45
CA LYS A 274 -19.61 18.54 -1.37
C LYS A 274 -19.18 18.37 -2.82
N LYS A 275 -17.87 18.42 -3.07
CA LYS A 275 -17.38 18.30 -4.45
C LYS A 275 -17.82 17.01 -5.08
N TYR A 276 -17.79 15.91 -4.32
CA TYR A 276 -18.04 14.58 -4.85
C TYR A 276 -19.44 14.12 -4.49
N HIS A 277 -20.25 14.99 -3.93
CA HIS A 277 -21.64 14.66 -3.57
C HIS A 277 -21.68 13.45 -2.66
N ILE A 278 -20.85 13.46 -1.63
CA ILE A 278 -20.70 12.29 -0.77
C ILE A 278 -21.61 12.46 0.41
N ASP A 279 -22.43 11.44 0.64
CA ASP A 279 -23.30 11.40 1.78
C ASP A 279 -22.50 10.97 3.00
N LEU A 280 -22.66 11.70 4.10
CA LEU A 280 -21.93 11.45 5.34
C LEU A 280 -22.84 10.74 6.35
N ASP A 281 -22.43 9.57 6.80
CA ASP A 281 -23.15 8.82 7.82
C ASP A 281 -23.42 9.69 9.03
N PRO A 282 -24.68 9.82 9.48
CA PRO A 282 -24.97 10.83 10.51
C PRO A 282 -24.41 10.50 11.88
N HIS A 283 -23.89 9.30 12.10
CA HIS A 283 -23.18 9.08 13.35
C HIS A 283 -21.99 10.02 13.50
N PHE A 284 -21.46 10.48 12.38
CA PHE A 284 -20.33 11.41 12.46
C PHE A 284 -20.71 12.75 13.05
N ASN A 285 -21.99 13.12 12.99
CA ASN A 285 -22.38 14.45 13.44
C ASN A 285 -22.03 14.66 14.91
N ASP A 286 -22.07 13.60 15.71
CA ASP A 286 -21.89 13.72 17.15
C ASP A 286 -20.43 13.65 17.58
N ILE A 287 -19.51 13.33 16.66
CA ILE A 287 -18.12 13.05 17.01
C ILE A 287 -17.09 13.91 16.26
N LEU A 288 -17.42 14.50 15.11
CA LEU A 288 -16.41 15.21 14.33
C LEU A 288 -15.95 16.51 15.00
N GLY A 289 -16.85 17.21 15.67
CA GLY A 289 -16.54 18.50 16.25
C GLY A 289 -16.22 19.54 15.19
N GLN A 290 -15.44 20.56 15.61
CA GLN A 290 -15.01 21.65 14.75
C GLN A 290 -13.51 21.78 14.92
N HIS A 291 -12.76 21.61 13.83
CA HIS A 291 -11.31 21.65 13.90
C HIS A 291 -10.73 22.46 12.77
N SER A 292 -9.83 23.36 13.11
CA SER A 292 -9.07 24.07 12.12
C SER A 292 -8.06 23.13 11.46
N ARG A 293 -7.66 23.48 10.25
CA ARG A 293 -6.55 22.78 9.62
C ARG A 293 -5.26 23.18 10.33
N LYS A 294 -4.44 22.20 10.67
CA LYS A 294 -3.21 22.43 11.41
C LYS A 294 -2.02 22.58 10.48
N ARG A 295 -1.07 23.38 10.94
CA ARG A 295 0.19 23.48 10.24
C ARG A 295 1.02 22.23 10.51
N TRP A 296 1.63 21.69 9.45
CA TRP A 296 2.45 20.48 9.59
C TRP A 296 3.62 20.73 10.54
N GLU A 297 4.11 21.97 10.59
CA GLU A 297 5.21 22.28 11.51
C GLU A 297 4.84 22.04 12.98
N ASN A 298 3.55 21.98 13.31
CA ASN A 298 3.11 21.72 14.67
C ASN A 298 3.57 20.36 15.18
N PHE A 299 3.95 19.45 14.29
CA PHE A 299 4.33 18.10 14.68
C PHE A 299 5.82 17.99 14.96
N ILE A 300 6.60 19.06 14.68
CA ILE A 300 8.04 19.05 14.87
C ILE A 300 8.39 19.30 16.33
N HIS A 301 9.32 18.52 16.86
CA HIS A 301 9.91 18.80 18.16
C HIS A 301 11.32 18.21 18.18
N SER A 302 11.98 18.31 19.33
CA SER A 302 13.40 18.00 19.35
C SER A 302 13.67 16.57 18.90
N GLU A 303 12.74 15.63 19.12
CA GLU A 303 13.01 14.23 18.81
C GLU A 303 12.94 13.92 17.32
N ASN A 304 12.29 14.75 16.51
CA ASN A 304 12.14 14.47 15.08
C ASN A 304 12.66 15.58 14.17
N ARG A 305 13.25 16.65 14.71
CA ARG A 305 13.54 17.81 13.87
C ARG A 305 14.56 17.48 12.79
N HIS A 306 15.48 16.56 13.07
CA HIS A 306 16.51 16.20 12.10
C HIS A 306 15.95 15.42 10.93
N LEU A 307 14.70 14.98 10.98
CA LEU A 307 14.06 14.25 9.88
C LEU A 307 13.16 15.12 9.03
N VAL A 308 12.87 16.33 9.46
CA VAL A 308 11.88 17.19 8.85
C VAL A 308 12.61 18.31 8.13
N SER A 309 12.19 18.62 6.94
CA SER A 309 12.72 19.67 6.08
C SER A 309 11.54 20.37 5.42
N PRO A 310 11.75 21.54 4.81
CA PRO A 310 10.65 22.14 4.03
C PRO A 310 10.18 21.23 2.92
N GLU A 311 11.13 20.55 2.25
N GLU A 311 11.12 20.51 2.30
CA GLU A 311 10.77 19.62 1.19
CA GLU A 311 10.75 19.65 1.18
C GLU A 311 9.86 18.52 1.73
C GLU A 311 9.98 18.42 1.64
N ALA A 312 10.26 17.91 2.84
CA ALA A 312 9.47 16.80 3.37
C ALA A 312 8.04 17.26 3.63
N LEU A 313 7.89 18.45 4.20
CA LEU A 313 6.55 18.93 4.55
C LEU A 313 5.74 19.29 3.32
N ASP A 314 6.38 19.84 2.31
CA ASP A 314 5.68 20.13 1.06
C ASP A 314 5.17 18.86 0.41
N LEU A 315 6.03 17.83 0.34
CA LEU A 315 5.60 16.55 -0.19
C LEU A 315 4.45 15.98 0.63
N LEU A 316 4.59 15.95 1.96
CA LEU A 316 3.57 15.36 2.79
C LEU A 316 2.23 16.08 2.58
N ASP A 317 2.26 17.41 2.52
CA ASP A 317 1.05 18.19 2.35
C ASP A 317 0.34 17.86 1.05
N LYS A 318 1.08 17.39 0.04
CA LYS A 318 0.51 17.06 -1.26
C LYS A 318 0.06 15.61 -1.36
N LEU A 319 0.32 14.80 -0.34
CA LEU A 319 -0.13 13.40 -0.25
C LEU A 319 -1.33 13.27 0.67
N LEU A 320 -1.27 13.88 1.87
CA LEU A 320 -2.33 13.79 2.86
C LEU A 320 -3.34 14.90 2.60
N ARG A 321 -4.11 14.71 1.53
CA ARG A 321 -5.20 15.59 1.12
C ARG A 321 -6.49 14.79 1.08
N TYR A 322 -7.59 15.41 1.53
CA TYR A 322 -8.86 14.72 1.42
C TYR A 322 -9.13 14.35 -0.02
N ASP A 323 -8.96 15.30 -0.93
CA ASP A 323 -9.38 15.14 -2.31
C ASP A 323 -8.41 14.19 -3.03
N HIS A 324 -8.86 12.95 -3.21
CA HIS A 324 -8.03 11.91 -3.80
C HIS A 324 -7.48 12.32 -5.17
N GLN A 325 -8.27 13.10 -5.94
N GLN A 325 -8.23 13.09 -5.92
CA GLN A 325 -7.84 13.55 -7.27
CA GLN A 325 -7.82 13.48 -7.26
C GLN A 325 -6.65 14.47 -7.20
C GLN A 325 -6.79 14.61 -7.25
N GLN A 326 -6.53 15.21 -6.09
CA GLN A 326 -5.49 16.20 -5.98
C GLN A 326 -4.23 15.69 -5.32
N ARG A 327 -4.23 14.48 -4.80
CA ARG A 327 -3.00 13.91 -4.27
C ARG A 327 -2.02 13.69 -5.40
N LEU A 328 -0.72 13.80 -5.08
CA LEU A 328 0.28 13.44 -6.07
C LEU A 328 0.11 12.00 -6.53
N THR A 329 0.39 11.75 -7.81
CA THR A 329 0.58 10.38 -8.28
C THR A 329 1.91 9.87 -7.74
N ALA A 330 2.13 8.55 -7.85
CA ALA A 330 3.41 8.01 -7.41
C ALA A 330 4.56 8.64 -8.19
N LYS A 331 4.35 8.83 -9.49
CA LYS A 331 5.39 9.47 -10.31
C LYS A 331 5.66 10.91 -9.89
N GLU A 332 4.60 11.70 -9.72
CA GLU A 332 4.78 13.08 -9.27
C GLU A 332 5.49 13.13 -7.93
N ALA A 333 5.17 12.20 -7.03
CA ALA A 333 5.88 12.14 -5.76
C ALA A 333 7.36 11.84 -5.99
N MET A 334 7.67 10.87 -6.84
CA MET A 334 9.07 10.55 -7.12
C MET A 334 9.83 11.72 -7.70
N GLU A 335 9.15 12.59 -8.42
N GLU A 335 9.15 12.58 -8.44
CA GLU A 335 9.75 13.74 -9.06
CA GLU A 335 9.79 13.73 -9.06
C GLU A 335 9.90 14.92 -8.11
C GLU A 335 10.04 14.87 -8.07
N HIS A 336 9.48 14.80 -6.86
CA HIS A 336 9.51 15.92 -5.93
C HIS A 336 10.94 16.17 -5.47
N PRO A 337 11.30 17.44 -5.24
CA PRO A 337 12.65 17.74 -4.70
C PRO A 337 13.08 16.97 -3.48
N TYR A 338 12.16 16.54 -2.63
CA TYR A 338 12.55 15.75 -1.46
C TYR A 338 13.44 14.57 -1.84
N PHE A 339 13.21 13.99 -3.01
CA PHE A 339 13.97 12.81 -3.43
C PHE A 339 15.20 13.15 -4.25
N TYR A 340 15.46 14.41 -4.56
CA TYR A 340 16.65 14.75 -5.32
C TYR A 340 17.94 14.14 -4.74
N PRO A 341 18.17 14.17 -3.42
CA PRO A 341 19.40 13.55 -2.90
C PRO A 341 19.50 12.06 -3.21
N VAL A 342 18.37 11.35 -3.27
CA VAL A 342 18.38 9.93 -3.60
C VAL A 342 18.68 9.72 -5.08
N VAL A 343 18.04 10.52 -5.93
CA VAL A 343 18.27 10.43 -7.37
C VAL A 343 19.74 10.69 -7.66
N LYS A 344 20.31 11.70 -7.00
CA LYS A 344 21.72 12.02 -7.20
C LYS A 344 22.60 10.85 -6.84
N GLU A 345 22.34 10.18 -5.72
CA GLU A 345 23.17 9.02 -5.35
C GLU A 345 22.99 7.87 -6.33
N GLN A 346 21.76 7.63 -6.80
N GLN A 346 21.77 7.63 -6.79
CA GLN A 346 21.49 6.51 -7.70
CA GLN A 346 21.51 6.51 -7.69
C GLN A 346 22.12 6.74 -9.07
C GLN A 346 21.90 6.81 -9.12
N SER A 347 22.42 8.00 -9.41
CA SER A 347 22.98 8.34 -10.71
C SER A 347 24.48 8.53 -10.66
C1 EDO B . 0.86 23.73 6.04
O1 EDO B . 1.63 23.47 7.19
C2 EDO B . -0.48 23.02 6.20
O2 EDO B . -1.02 22.89 4.89
H11 EDO B . 1.37 23.36 5.15
H12 EDO B . 0.71 24.80 5.91
HO1 EDO B . 2.50 23.88 7.09
H21 EDO B . -1.15 23.63 6.83
H22 EDO B . -0.36 22.05 6.68
HO2 EDO B . -1.86 22.43 4.94
C04 QWW C . 5.97 -12.26 5.37
C04 QWW C . 6.11 -12.04 5.88
C06 QWW C . 6.27 -12.46 3.10
C06 QWW C . 8.17 -11.96 4.77
C08 QWW C . 7.64 -12.34 3.23
C08 QWW C . 7.53 -12.13 3.55
C10 QWW C . 8.15 -12.18 4.48
C10 QWW C . 6.18 -12.24 3.53
C12 QWW C . 7.30 -12.13 5.59
C12 QWW C . 5.44 -12.20 4.71
N01 QWW C . 7.49 -11.97 6.94
N01 QWW C . 4.11 -12.27 4.96
N02 QWW C . 6.27 -11.95 7.55
N02 QWW C . 3.96 -12.16 6.31
N03 QWW C . 5.34 -12.16 6.58
N03 QWW C . 5.20 -12.02 6.89
N05 QWW C . 5.45 -12.40 4.12
N05 QWW C . 7.46 -11.92 5.89
BR3 QWW C . 5.61 -12.79 1.33
BR3 QWW C . 10.08 -11.79 4.90
BR2 QWW C . 8.81 -12.51 1.71
BR2 QWW C . 8.41 -12.20 1.81
BR1 QWW C . 10.03 -11.98 4.77
BR1 QWW C . 5.34 -12.47 1.82
H011 QWW C . 8.25 -11.88 7.34
H011 QWW C . 3.48 -12.37 4.38
C1 EDO D . 2.10 -11.99 0.52
O1 EDO D . 3.19 -11.71 -0.21
C2 EDO D . 2.03 -11.29 1.84
O2 EDO D . 2.34 -12.35 2.75
H11 EDO D . 2.08 -13.07 0.69
H12 EDO D . 1.22 -11.72 -0.06
HO1 EDO D . 3.13 -12.16 -1.07
H21 EDO D . 1.03 -10.89 2.03
H22 EDO D . 2.75 -10.48 1.91
HO2 EDO D . 1.96 -12.15 3.61
C1 EDO E . -1.53 7.23 -7.93
O1 EDO E . -2.47 8.03 -8.48
C2 EDO E . -1.02 7.04 -9.31
O2 EDO E . 0.27 6.65 -9.11
H11 EDO E . -1.90 6.33 -7.44
H12 EDO E . -0.85 7.73 -7.24
HO1 EDO E . -3.04 8.39 -7.78
H21 EDO E . -1.07 7.96 -9.88
H22 EDO E . -1.58 6.27 -9.84
HO2 EDO E . 0.44 6.58 -8.16
C1 EDO F . 0.40 0.11 12.23
O1 EDO F . 1.54 0.15 11.38
C2 EDO F . 0.69 -0.72 13.45
O2 EDO F . 1.56 -0.01 14.32
H11 EDO F . -0.45 -0.30 11.69
H12 EDO F . 0.14 1.13 12.53
HO1 EDO F . 1.35 0.73 10.63
H21 EDO F . 1.14 -1.66 13.15
H22 EDO F . -0.25 -0.94 13.97
HO2 EDO F . 1.97 -0.64 14.95
C1 EDO G . 6.05 18.03 -9.16
O1 EDO G . 5.21 17.00 -9.69
C2 EDO G . 7.08 17.38 -8.24
O2 EDO G . 6.40 16.83 -7.12
H11 EDO G . 5.45 18.76 -8.60
H12 EDO G . 6.55 18.57 -9.96
HO1 EDO G . 4.58 17.39 -10.31
H21 EDO G . 7.82 18.11 -7.90
H22 EDO G . 7.60 16.58 -8.77
HO2 EDO G . 7.02 16.35 -6.57
C1 EDO H . 18.90 3.32 3.31
O1 EDO H . 19.43 2.94 4.58
C2 EDO H . 19.93 4.16 2.59
O2 EDO H . 21.10 3.37 2.35
H11 EDO H . 17.98 3.88 3.44
H12 EDO H . 18.68 2.42 2.72
HO1 EDO H . 18.77 2.44 5.07
H21 EDO H . 20.19 5.04 3.19
H22 EDO H . 19.52 4.52 1.64
HO2 EDO H . 21.74 3.89 1.85
C1 EDO I . 5.64 -10.15 -8.98
O1 EDO I . 5.65 -11.28 -8.12
C2 EDO I . 7.03 -9.50 -9.06
O2 EDO I . 7.89 -10.38 -9.78
H11 EDO I . 4.93 -9.42 -8.61
H12 EDO I . 5.33 -10.46 -9.97
HO1 EDO I . 4.77 -11.68 -8.09
H21 EDO I . 7.43 -9.33 -8.06
H22 EDO I . 6.96 -8.55 -9.56
HO2 EDO I . 8.79 -10.04 -9.77
C1 EDO J . -4.54 6.24 -19.40
O1 EDO J . -5.93 6.47 -19.60
C2 EDO J . -4.15 4.79 -19.52
O2 EDO J . -3.49 4.61 -20.79
H11 EDO J . -4.25 6.61 -18.41
H12 EDO J . -3.98 6.82 -20.15
HO1 EDO J . -6.13 7.42 -19.52
H21 EDO J . -5.03 4.15 -19.46
H22 EDO J . -3.47 4.51 -18.71
HO2 EDO J . -3.27 3.69 -20.91
C1 EDO K . -27.63 24.51 -2.32
O1 EDO K . -28.38 23.32 -2.42
C2 EDO K . -26.49 24.52 -3.34
O2 EDO K . -25.56 23.48 -3.09
H11 EDO K . -27.21 24.59 -1.32
H12 EDO K . -28.28 25.37 -2.50
HO1 EDO K . -29.31 23.52 -2.22
H21 EDO K . -25.98 25.49 -3.30
H22 EDO K . -26.90 24.41 -4.35
HO2 EDO K . -24.84 23.52 -3.74
C1 EDO L . -11.05 -7.37 -0.85
O1 EDO L . -11.02 -8.76 -1.22
C2 EDO L . -12.21 -6.56 -1.45
O2 EDO L . -12.41 -6.82 -2.85
H11 EDO L . -10.11 -6.92 -1.17
H12 EDO L . -11.11 -7.30 0.23
HO1 EDO L . -10.28 -9.20 -0.77
H21 EDO L . -11.99 -5.49 -1.32
H22 EDO L . -13.12 -6.78 -0.90
HO2 EDO L . -13.15 -6.29 -3.17
C1 EDO M . -12.94 -1.88 -23.56
O1 EDO M . -14.21 -2.34 -24.01
C2 EDO M . -12.18 -3.03 -22.91
O2 EDO M . -12.61 -3.18 -21.57
H11 EDO M . -13.07 -1.07 -22.83
H12 EDO M . -12.36 -1.46 -24.39
HO1 EDO M . -14.66 -1.61 -24.46
H21 EDO M . -11.10 -2.84 -22.95
H22 EDO M . -12.36 -3.94 -23.48
HO2 EDO M . -12.12 -3.91 -21.15
C1 EDO N . 1.24 0.58 18.77
O1 EDO N . 0.21 1.37 19.37
C2 EDO N . 1.00 0.52 17.27
O2 EDO N . -0.30 -0.03 17.02
H11 EDO N . 1.22 -0.43 19.18
H12 EDO N . 2.22 1.01 18.98
HO1 EDO N . 0.34 1.39 20.33
H21 EDO N . 1.06 1.53 16.85
H22 EDO N . 1.77 -0.09 16.79
HO2 EDO N . -0.44 -0.08 16.07
C1 EDO O . -11.15 -4.27 6.76
O1 EDO O . -11.77 -3.09 6.26
C2 EDO O . -9.64 -4.19 6.65
O2 EDO O . -9.35 -4.58 5.30
H11 EDO O . -11.51 -5.15 6.22
H12 EDO O . -11.41 -4.40 7.82
HO1 EDO O . -12.72 -3.14 6.42
H21 EDO O . -9.15 -4.86 7.36
H22 EDO O . -9.28 -3.18 6.83
HO2 EDO O . -8.40 -4.53 5.15
#